data_5B2H
#
_entry.id   5B2H
#
_cell.length_a   142.517
_cell.length_b   142.517
_cell.length_c   126.794
_cell.angle_alpha   90.000
_cell.angle_beta   90.000
_cell.angle_gamma   120.000
#
_symmetry.space_group_name_H-M   'H 3'
#
loop_
_entity.id
_entity.type
_entity.pdbx_description
1 polymer HA-33
2 non-polymer 'TRIETHYLENE GLYCOL'
3 water water
#
_entity_poly.entity_id   1
_entity_poly.type   'polypeptide(L)'
_entity_poly.pdbx_seq_one_letter_code
;QTNANDLRNNEVFFISPSNNTNKVLDKISQSEVKLWNKLSGANQKWRLIYDTNKQAYKIKVMDNTSLILTWNAPLSSVSV
KTDTNGDNQYWYLLQNYISRNVIIRNYMNPNLVLQYNIDDTLMVSTQTSSSNQFFKFSNCIYESFNNSTCKIQTSLTIKF
IDKNQNSNNVTIWSWNNGDNQKWKILYNESKMAYTLTCIKNNEYLTWFSSIGNNVGTYRTEGNNDQYWFINYLNNDASMY
TISNFSNQSKFLDVVNSGLADGTNVQVWDSNGTSAQKWIITRL
;
_entity_poly.pdbx_strand_id   A,B
#
loop_
_chem_comp.id
_chem_comp.type
_chem_comp.name
_chem_comp.formula
PGE non-polymer 'TRIETHYLENE GLYCOL' 'C6 H14 O4'
#
# COMPACT_ATOMS: atom_id res chain seq x y z
N GLN A 1 6.37 -2.09 -7.12
CA GLN A 1 6.00 -3.47 -7.63
C GLN A 1 5.57 -4.48 -6.57
N THR A 2 6.11 -4.37 -5.36
CA THR A 2 5.76 -5.28 -4.26
C THR A 2 5.29 -4.50 -3.03
N ASN A 3 4.27 -5.03 -2.37
CA ASN A 3 3.92 -4.60 -1.01
C ASN A 3 4.82 -5.21 0.11
N ALA A 4 5.79 -6.05 -0.26
CA ALA A 4 6.65 -6.72 0.75
C ALA A 4 7.52 -5.78 1.61
N ASN A 5 7.76 -4.56 1.11
CA ASN A 5 8.51 -3.50 1.80
C ASN A 5 7.66 -2.52 2.62
N ASP A 6 6.37 -2.78 2.73
CA ASP A 6 5.47 -1.95 3.50
C ASP A 6 5.88 -1.87 4.96
N LEU A 7 5.57 -0.75 5.60
CA LEU A 7 6.06 -0.40 6.94
C LEU A 7 5.30 -1.09 8.07
N ARG A 8 5.32 -2.42 7.98
CA ARG A 8 4.62 -3.30 8.87
C ARG A 8 5.27 -3.40 10.23
N ASN A 9 4.41 -3.40 11.25
CA ASN A 9 4.85 -3.70 12.57
C ASN A 9 5.50 -5.08 12.58
N ASN A 10 6.57 -5.19 13.36
CA ASN A 10 7.30 -6.43 13.56
C ASN A 10 8.10 -6.97 12.34
N GLU A 11 8.27 -6.19 11.28
CA GLU A 11 9.22 -6.56 10.22
C GLU A 11 10.57 -5.90 10.44
N VAL A 12 11.57 -6.43 9.75
CA VAL A 12 12.96 -6.02 9.86
C VAL A 12 13.43 -5.47 8.50
N PHE A 13 14.09 -4.32 8.54
CA PHE A 13 14.41 -3.54 7.36
C PHE A 13 15.85 -3.08 7.29
N PHE A 14 16.31 -2.88 6.06
CA PHE A 14 17.41 -1.98 5.77
C PHE A 14 16.79 -0.62 5.62
N ILE A 15 17.42 0.38 6.23
CA ILE A 15 17.01 1.78 6.14
C ILE A 15 18.09 2.53 5.37
N SER A 16 17.73 2.99 4.17
CA SER A 16 18.68 3.61 3.22
C SER A 16 18.39 5.07 2.98
N PRO A 17 19.44 5.88 2.80
CA PRO A 17 19.15 7.22 2.29
C PRO A 17 18.50 7.12 0.91
N SER A 18 17.60 8.05 0.58
CA SER A 18 16.97 8.07 -0.73
C SER A 18 17.93 8.23 -1.90
N ASN A 19 19.10 8.87 -1.68
CA ASN A 19 20.07 9.13 -2.75
C ASN A 19 21.07 8.01 -2.99
N ASN A 20 20.99 6.90 -2.24
CA ASN A 20 21.95 5.82 -2.39
C ASN A 20 21.55 4.47 -1.79
N THR A 21 21.07 3.58 -2.64
CA THR A 21 20.60 2.22 -2.25
C THR A 21 21.71 1.26 -1.75
N ASN A 22 22.96 1.59 -2.02
CA ASN A 22 24.09 0.80 -1.55
C ASN A 22 24.49 1.15 -0.10
N LYS A 23 23.92 2.21 0.48
CA LYS A 23 24.20 2.59 1.87
C LYS A 23 23.00 2.26 2.78
N VAL A 24 23.30 1.96 4.03
CA VAL A 24 22.30 1.60 5.03
C VAL A 24 22.67 2.13 6.40
N LEU A 25 21.65 2.31 7.22
CA LEU A 25 21.80 2.70 8.59
C LEU A 25 22.47 1.52 9.30
N ASP A 26 23.58 1.81 9.97
CA ASP A 26 24.46 0.83 10.55
C ASP A 26 24.81 1.21 12.00
N LYS A 27 24.55 0.30 12.94
CA LYS A 27 25.07 0.47 14.31
C LYS A 27 26.55 0.09 14.36
N ILE A 28 27.43 1.09 14.44
CA ILE A 28 28.89 0.87 14.28
C ILE A 28 29.65 0.57 15.57
N SER A 29 29.00 0.77 16.70
CA SER A 29 29.62 0.61 18.01
C SER A 29 28.48 0.46 18.97
N GLN A 30 28.80 0.41 20.27
CA GLN A 30 27.82 0.26 21.32
C GLN A 30 26.73 1.30 21.33
N SER A 31 27.08 2.53 20.95
CA SER A 31 26.15 3.67 21.01
C SER A 31 25.95 4.46 19.72
N GLU A 32 26.83 4.31 18.71
CA GLU A 32 26.77 5.19 17.55
C GLU A 32 26.16 4.52 16.34
N VAL A 33 25.44 5.32 15.55
CA VAL A 33 24.94 4.91 14.23
C VAL A 33 25.52 5.79 13.14
N LYS A 34 25.59 5.25 11.94
CA LYS A 34 26.12 5.98 10.81
C LYS A 34 25.63 5.29 9.54
N LEU A 35 25.56 5.99 8.41
CA LEU A 35 25.38 5.28 7.14
C LEU A 35 26.67 4.55 6.82
N TRP A 36 26.52 3.37 6.25
CA TRP A 36 27.63 2.54 5.83
C TRP A 36 27.21 1.78 4.59
N ASN A 37 28.20 1.33 3.82
N ASN A 37 28.20 1.33 3.85
CA ASN A 37 27.94 0.46 2.68
CA ASN A 37 28.01 0.43 2.72
C ASN A 37 27.27 -0.82 3.15
C ASN A 37 27.27 -0.84 3.16
N LYS A 38 26.34 -1.29 2.33
CA LYS A 38 25.54 -2.46 2.65
C LYS A 38 26.36 -3.75 2.65
N LEU A 39 26.40 -4.43 3.80
CA LEU A 39 27.17 -5.64 3.97
C LEU A 39 26.18 -6.70 4.42
N SER A 40 26.58 -7.62 5.29
CA SER A 40 25.66 -8.66 5.73
C SER A 40 25.42 -8.73 7.25
N GLY A 41 25.86 -7.74 8.01
CA GLY A 41 25.76 -7.79 9.46
C GLY A 41 24.37 -7.44 9.97
N ALA A 42 24.00 -8.05 11.09
CA ALA A 42 22.73 -7.80 11.76
C ALA A 42 22.67 -6.38 12.40
N ASN A 43 23.83 -5.77 12.59
CA ASN A 43 23.93 -4.36 12.94
C ASN A 43 23.40 -3.37 11.88
N GLN A 44 23.07 -3.85 10.68
CA GLN A 44 22.47 -3.01 9.63
C GLN A 44 20.99 -3.30 9.45
N LYS A 45 20.43 -4.11 10.35
CA LYS A 45 19.05 -4.54 10.26
C LYS A 45 18.28 -4.01 11.48
N TRP A 46 17.05 -3.54 11.24
CA TRP A 46 16.25 -2.80 12.21
C TRP A 46 14.80 -3.33 12.23
N ARG A 47 14.32 -3.76 13.39
CA ARG A 47 12.91 -4.14 13.57
C ARG A 47 12.06 -2.94 13.96
N LEU A 48 10.89 -2.85 13.35
CA LEU A 48 9.92 -1.84 13.69
C LEU A 48 8.97 -2.37 14.77
N ILE A 49 8.78 -1.56 15.81
CA ILE A 49 7.86 -1.88 16.93
C ILE A 49 6.88 -0.71 17.07
N TYR A 50 5.67 -0.94 16.58
CA TYR A 50 4.61 0.06 16.53
C TYR A 50 3.82 0.19 17.84
N ASP A 51 3.53 1.43 18.22
CA ASP A 51 2.63 1.75 19.32
C ASP A 51 1.36 2.35 18.73
N THR A 52 0.24 1.65 18.92
CA THR A 52 -1.07 2.09 18.37
C THR A 52 -1.55 3.44 18.93
N ASN A 53 -1.23 3.75 20.18
CA ASN A 53 -1.65 5.03 20.76
C ASN A 53 -0.89 6.23 20.17
N LYS A 54 0.43 6.07 20.03
CA LYS A 54 1.30 7.12 19.52
C LYS A 54 1.24 7.26 18.01
N GLN A 55 0.80 6.21 17.33
CA GLN A 55 0.95 6.09 15.87
C GLN A 55 2.41 6.27 15.41
N ALA A 56 3.34 5.79 16.23
CA ALA A 56 4.76 5.89 15.95
C ALA A 56 5.46 4.58 16.36
N TYR A 57 6.74 4.48 16.01
CA TYR A 57 7.49 3.25 16.14
C TYR A 57 8.79 3.40 16.89
N LYS A 58 9.20 2.32 17.54
CA LYS A 58 10.59 2.16 17.95
C LYS A 58 11.29 1.42 16.81
N ILE A 59 12.59 1.68 16.69
CA ILE A 59 13.41 1.15 15.61
C ILE A 59 14.58 0.46 16.26
N LYS A 60 14.54 -0.88 16.29
CA LYS A 60 15.44 -1.70 17.11
C LYS A 60 16.49 -2.40 16.28
N VAL A 61 17.76 -2.21 16.62
CA VAL A 61 18.83 -2.89 15.94
C VAL A 61 18.75 -4.41 16.23
N MET A 62 19.21 -5.21 15.27
CA MET A 62 19.03 -6.65 15.34
C MET A 62 20.31 -7.46 15.59
N ASP A 63 21.32 -6.85 16.18
CA ASP A 63 22.59 -7.52 16.51
C ASP A 63 22.58 -8.15 17.92
N ASN A 64 21.40 -8.39 18.48
CA ASN A 64 21.18 -9.01 19.79
C ASN A 64 21.51 -8.12 21.01
N THR A 65 21.64 -6.81 20.79
CA THR A 65 21.87 -5.86 21.88
C THR A 65 20.60 -5.17 22.32
N SER A 66 19.53 -5.29 21.53
CA SER A 66 18.22 -4.69 21.84
C SER A 66 18.16 -3.16 21.88
N LEU A 67 19.20 -2.48 21.42
CA LEU A 67 19.25 -1.02 21.49
C LEU A 67 18.37 -0.44 20.38
N ILE A 68 17.82 0.76 20.61
CA ILE A 68 16.88 1.40 19.70
C ILE A 68 17.32 2.79 19.34
N LEU A 69 16.88 3.25 18.16
CA LEU A 69 17.28 4.58 17.66
C LEU A 69 16.70 5.69 18.55
N THR A 70 17.58 6.56 19.01
CA THR A 70 17.28 7.56 20.04
C THR A 70 17.73 8.98 19.65
N TRP A 71 16.82 9.95 19.72
CA TRP A 71 17.20 11.37 19.66
C TRP A 71 17.76 11.78 21.02
N ASN A 72 19.01 12.24 21.06
CA ASN A 72 19.68 12.66 22.28
C ASN A 72 19.25 14.06 22.70
N ALA A 73 17.97 14.22 23.01
CA ALA A 73 17.43 15.52 23.44
C ALA A 73 18.25 16.02 24.64
N PRO A 74 18.55 17.31 24.76
CA PRO A 74 18.17 18.37 23.83
C PRO A 74 19.21 18.66 22.72
N LEU A 75 20.21 17.81 22.51
CA LEU A 75 21.19 18.01 21.46
C LEU A 75 20.54 17.70 20.09
N SER A 76 21.31 17.77 19.01
CA SER A 76 20.81 17.39 17.68
C SER A 76 21.34 16.02 17.20
N SER A 77 22.05 15.31 18.07
CA SER A 77 22.68 14.05 17.73
C SER A 77 21.70 12.88 17.92
N VAL A 78 21.96 11.76 17.27
CA VAL A 78 21.20 10.53 17.51
C VAL A 78 22.15 9.44 17.93
N SER A 79 21.57 8.41 18.55
CA SER A 79 22.34 7.25 18.96
C SER A 79 21.45 6.02 19.02
N VAL A 80 22.03 4.92 19.47
CA VAL A 80 21.29 3.73 19.86
C VAL A 80 21.46 3.57 21.36
N LYS A 81 20.34 3.37 22.06
CA LYS A 81 20.33 3.26 23.51
C LYS A 81 19.32 2.25 23.96
N THR A 82 19.47 1.87 25.23
CA THR A 82 18.52 1.01 25.93
C THR A 82 17.10 1.55 25.72
N ASP A 83 16.19 0.66 25.38
CA ASP A 83 14.79 0.98 25.26
C ASP A 83 14.21 1.36 26.65
N THR A 84 13.86 2.63 26.80
CA THR A 84 13.16 3.14 28.00
C THR A 84 11.76 3.60 27.66
N ASN A 85 11.30 3.28 26.45
CA ASN A 85 10.03 3.79 25.95
C ASN A 85 9.91 5.33 25.98
N GLY A 86 11.04 6.00 25.90
CA GLY A 86 11.05 7.45 25.85
C GLY A 86 10.37 8.00 24.61
N ASP A 87 9.76 9.18 24.73
CA ASP A 87 9.13 9.86 23.61
C ASP A 87 10.19 10.12 22.50
N ASN A 88 11.42 10.38 22.92
CA ASN A 88 12.57 10.59 22.01
C ASN A 88 13.07 9.36 21.28
N GLN A 89 12.52 8.19 21.64
CA GLN A 89 12.84 6.92 21.01
C GLN A 89 11.68 6.42 20.17
N TYR A 90 10.64 7.24 20.03
CA TYR A 90 9.58 6.94 19.09
C TYR A 90 9.69 7.80 17.87
N TRP A 91 9.33 7.22 16.73
CA TRP A 91 9.46 7.89 15.44
C TRP A 91 8.24 7.66 14.58
N TYR A 92 7.66 8.72 14.05
CA TYR A 92 6.66 8.56 13.01
C TYR A 92 7.39 8.13 11.72
N LEU A 93 6.82 7.19 10.98
CA LEU A 93 7.33 6.81 9.67
C LEU A 93 6.25 7.17 8.68
N LEU A 94 6.41 8.31 8.02
CA LEU A 94 5.38 8.88 7.15
C LEU A 94 5.87 8.86 5.72
N GLN A 95 5.12 8.16 4.86
CA GLN A 95 5.59 7.74 3.55
C GLN A 95 4.88 8.38 2.38
N ASN A 96 5.64 8.66 1.33
CA ASN A 96 5.12 9.16 0.09
C ASN A 96 4.69 7.96 -0.75
N TYR A 97 3.42 7.95 -1.17
CA TYR A 97 2.87 6.83 -1.92
C TYR A 97 3.65 6.43 -3.20
N ILE A 98 3.99 7.41 -4.03
CA ILE A 98 4.56 7.15 -5.36
C ILE A 98 6.03 6.78 -5.26
N SER A 99 6.84 7.63 -4.63
CA SER A 99 8.29 7.38 -4.50
C SER A 99 8.65 6.33 -3.48
N ARG A 100 7.75 6.06 -2.53
CA ARG A 100 8.01 5.16 -1.39
C ARG A 100 9.00 5.76 -0.37
N ASN A 101 9.41 7.00 -0.53
CA ASN A 101 10.28 7.66 0.43
C ASN A 101 9.55 7.93 1.74
N VAL A 102 10.31 7.90 2.83
CA VAL A 102 9.79 8.00 4.18
C VAL A 102 10.54 9.07 4.96
N ILE A 103 9.80 9.93 5.67
CA ILE A 103 10.41 10.76 6.69
C ILE A 103 10.36 10.04 8.04
N ILE A 104 11.39 10.27 8.85
CA ILE A 104 11.55 9.61 10.12
C ILE A 104 11.51 10.75 11.14
N ARG A 105 10.31 11.01 11.65
CA ARG A 105 9.99 12.18 12.40
C ARG A 105 9.83 11.86 13.88
N ASN A 106 10.55 12.58 14.72
CA ASN A 106 10.60 12.28 16.13
C ASN A 106 9.24 12.50 16.81
N TYR A 107 8.86 11.57 17.68
CA TYR A 107 7.62 11.66 18.42
C TYR A 107 7.66 12.78 19.47
N MET A 108 8.76 12.85 20.20
CA MET A 108 8.88 13.86 21.27
C MET A 108 8.84 15.29 20.73
N ASN A 109 9.58 15.52 19.66
CA ASN A 109 9.61 16.81 18.99
C ASN A 109 9.41 16.64 17.47
N PRO A 110 8.14 16.61 17.03
CA PRO A 110 7.84 16.41 15.63
C PRO A 110 8.28 17.49 14.63
N ASN A 111 8.77 18.63 15.12
CA ASN A 111 9.52 19.57 14.28
C ASN A 111 10.71 18.87 13.66
N LEU A 112 11.24 17.85 14.34
CA LEU A 112 12.50 17.23 13.96
C LEU A 112 12.37 15.89 13.21
N VAL A 113 13.18 15.73 12.16
CA VAL A 113 13.26 14.48 11.43
C VAL A 113 14.68 14.05 11.33
N LEU A 114 14.88 12.74 11.12
CA LEU A 114 16.20 12.21 10.88
C LEU A 114 16.73 12.76 9.54
N GLN A 115 18.03 13.05 9.53
CA GLN A 115 18.71 13.59 8.36
C GLN A 115 20.05 12.89 8.22
N TYR A 116 20.42 12.58 6.98
CA TYR A 116 21.75 12.09 6.67
C TYR A 116 22.63 13.18 6.04
N ASN A 117 23.87 13.26 6.51
CA ASN A 117 24.80 14.31 6.03
C ASN A 117 25.71 13.73 4.95
N ILE A 118 26.39 14.60 4.22
CA ILE A 118 27.25 14.16 3.11
C ILE A 118 28.41 13.29 3.59
N ASP A 119 28.86 13.52 4.83
CA ASP A 119 29.89 12.67 5.46
C ASP A 119 29.35 11.34 6.06
N ASP A 120 28.12 10.96 5.70
CA ASP A 120 27.47 9.71 6.18
C ASP A 120 27.00 9.71 7.66
N THR A 121 27.16 10.81 8.39
CA THR A 121 26.66 10.91 9.76
C THR A 121 25.17 11.21 9.71
N LEU A 122 24.54 11.04 10.86
CA LEU A 122 23.13 11.28 11.02
C LEU A 122 22.92 12.29 12.11
N MET A 123 21.80 12.98 12.04
CA MET A 123 21.40 13.93 13.04
C MET A 123 19.90 14.13 12.91
N VAL A 124 19.35 14.97 13.77
CA VAL A 124 17.98 15.42 13.58
C VAL A 124 18.02 16.89 13.20
N SER A 125 16.96 17.34 12.53
CA SER A 125 16.87 18.70 12.05
C SER A 125 15.46 19.06 11.72
N THR A 126 15.19 20.37 11.72
CA THR A 126 13.94 20.89 11.20
C THR A 126 13.85 20.51 9.74
N GLN A 127 12.63 20.45 9.24
CA GLN A 127 12.32 19.82 7.98
C GLN A 127 12.54 20.78 6.79
N THR A 128 13.05 20.22 5.69
CA THR A 128 13.28 20.90 4.44
C THR A 128 12.73 20.01 3.32
N SER A 129 12.83 20.52 2.08
CA SER A 129 12.46 19.76 0.91
C SER A 129 13.60 18.94 0.33
N SER A 130 14.74 18.89 1.03
CA SER A 130 15.89 18.14 0.58
C SER A 130 15.68 16.60 0.65
N SER A 131 16.33 15.88 -0.27
N SER A 131 16.33 15.89 -0.28
CA SER A 131 16.36 14.43 -0.27
CA SER A 131 16.36 14.43 -0.26
C SER A 131 17.14 13.84 0.92
C SER A 131 17.14 13.84 0.92
N ASN A 132 17.89 14.67 1.63
CA ASN A 132 18.62 14.26 2.83
C ASN A 132 17.80 13.94 4.09
N GLN A 133 16.49 14.17 4.04
CA GLN A 133 15.51 13.76 5.04
C GLN A 133 14.51 12.72 4.54
N PHE A 134 14.79 12.09 3.38
CA PHE A 134 13.97 11.01 2.84
C PHE A 134 14.77 9.69 2.83
N PHE A 135 14.16 8.64 3.38
CA PHE A 135 14.77 7.32 3.51
C PHE A 135 13.94 6.27 2.80
N LYS A 136 14.58 5.17 2.37
CA LYS A 136 13.88 3.99 1.84
C LYS A 136 13.98 2.83 2.80
N PHE A 137 12.91 2.03 2.87
CA PHE A 137 12.83 0.87 3.72
C PHE A 137 12.72 -0.37 2.85
N SER A 138 13.66 -1.30 3.07
CA SER A 138 13.71 -2.60 2.34
C SER A 138 13.72 -3.76 3.32
N ASN A 139 12.67 -4.58 3.24
CA ASN A 139 12.50 -5.78 4.04
C ASN A 139 13.60 -6.79 3.73
N CYS A 140 14.39 -7.10 4.76
CA CYS A 140 15.57 -7.93 4.66
C CYS A 140 15.30 -9.37 4.20
N ILE A 141 14.26 -9.99 4.74
CA ILE A 141 13.91 -11.37 4.41
C ILE A 141 13.45 -11.53 2.97
N TYR A 142 12.65 -10.58 2.48
CA TYR A 142 12.24 -10.54 1.08
C TYR A 142 13.45 -10.41 0.18
N GLU A 143 14.36 -9.51 0.52
CA GLU A 143 15.56 -9.33 -0.28
C GLU A 143 16.46 -10.58 -0.23
N SER A 144 16.59 -11.18 0.95
CA SER A 144 17.41 -12.37 1.13
C SER A 144 16.93 -13.58 0.36
N PHE A 145 15.64 -13.85 0.42
CA PHE A 145 15.10 -15.16 0.01
C PHE A 145 14.02 -15.20 -1.04
N ASN A 146 13.45 -14.06 -1.45
CA ASN A 146 12.33 -14.20 -2.37
C ASN A 146 12.81 -14.85 -3.65
N ASN A 147 12.01 -15.76 -4.18
CA ASN A 147 12.30 -16.49 -5.40
C ASN A 147 13.65 -17.20 -5.41
N SER A 148 14.05 -17.79 -4.29
CA SER A 148 15.32 -18.47 -4.21
C SER A 148 15.11 -19.85 -3.62
N THR A 149 16.04 -20.77 -3.87
CA THR A 149 16.02 -22.09 -3.32
C THR A 149 16.90 -22.17 -2.08
N CYS A 150 16.33 -22.66 -0.98
CA CYS A 150 17.01 -22.67 0.32
C CYS A 150 17.04 -24.03 1.02
N LYS A 151 18.02 -24.17 1.90
CA LYS A 151 18.02 -25.24 2.91
C LYS A 151 17.60 -24.60 4.24
N ILE A 152 16.94 -25.39 5.09
CA ILE A 152 16.37 -24.89 6.34
C ILE A 152 16.75 -25.84 7.48
N GLN A 153 17.69 -25.40 8.31
CA GLN A 153 18.21 -26.18 9.43
C GLN A 153 17.48 -25.86 10.75
N THR A 154 17.13 -26.89 11.51
CA THR A 154 16.78 -26.69 12.93
C THR A 154 17.97 -26.15 13.72
N SER A 155 17.70 -25.23 14.64
CA SER A 155 18.74 -24.74 15.58
C SER A 155 19.27 -25.84 16.52
N LEU A 156 18.49 -26.90 16.72
CA LEU A 156 18.82 -27.98 17.69
C LEU A 156 20.07 -28.81 17.34
N THR A 157 20.21 -29.11 16.06
CA THR A 157 21.28 -29.97 15.53
C THR A 157 21.42 -29.75 14.02
N ILE A 158 22.51 -30.22 13.44
CA ILE A 158 22.78 -29.99 12.01
C ILE A 158 21.97 -30.97 11.16
N LYS A 159 20.67 -30.67 11.07
CA LYS A 159 19.69 -31.43 10.30
C LYS A 159 18.66 -30.47 9.72
N PHE A 160 17.95 -30.93 8.70
CA PHE A 160 17.27 -30.07 7.74
C PHE A 160 15.87 -30.48 7.44
N ILE A 161 15.03 -29.53 7.04
CA ILE A 161 13.65 -29.82 6.61
C ILE A 161 13.74 -30.73 5.39
N ASP A 162 12.97 -31.83 5.42
CA ASP A 162 13.18 -33.00 4.55
C ASP A 162 11.84 -33.67 4.30
N LYS A 163 11.40 -33.68 3.05
CA LYS A 163 10.22 -34.41 2.64
C LYS A 163 10.61 -35.90 2.44
N ASN A 164 9.96 -36.79 3.19
CA ASN A 164 10.19 -38.24 3.09
C ASN A 164 9.85 -38.82 1.70
N GLN A 165 10.54 -39.89 1.30
CA GLN A 165 10.24 -40.62 0.05
C GLN A 165 8.81 -41.15 -0.04
N ASN A 166 8.45 -41.99 0.93
CA ASN A 166 7.23 -42.81 0.87
C ASN A 166 5.93 -42.11 1.27
N SER A 167 6.02 -40.91 1.85
CA SER A 167 4.81 -40.12 2.19
C SER A 167 4.96 -38.64 1.87
N ASN A 168 3.85 -37.94 2.00
CA ASN A 168 3.83 -36.46 1.99
C ASN A 168 4.52 -35.77 3.19
N ASN A 169 5.07 -36.55 4.11
CA ASN A 169 5.47 -36.06 5.44
C ASN A 169 6.78 -35.31 5.40
N VAL A 170 6.94 -34.39 6.37
CA VAL A 170 8.20 -33.66 6.57
C VAL A 170 8.77 -33.87 7.97
N THR A 171 10.09 -34.08 8.03
CA THR A 171 10.82 -34.34 9.26
C THR A 171 12.12 -33.55 9.15
N ILE A 172 12.96 -33.64 10.17
CA ILE A 172 14.36 -33.19 10.03
C ILE A 172 15.24 -34.38 9.67
N TRP A 173 16.25 -34.12 8.83
CA TRP A 173 17.22 -35.14 8.44
C TRP A 173 18.59 -34.54 8.18
N SER A 174 19.63 -35.35 8.42
CA SER A 174 21.00 -34.97 8.05
C SER A 174 21.06 -34.57 6.56
N TRP A 175 21.98 -33.70 6.22
CA TRP A 175 22.10 -33.20 4.85
C TRP A 175 22.52 -34.31 3.85
N ASN A 176 21.71 -34.49 2.79
CA ASN A 176 21.94 -35.42 1.65
C ASN A 176 22.29 -34.70 0.35
N ASN A 177 22.22 -33.37 0.37
CA ASN A 177 22.11 -32.58 -0.85
C ASN A 177 20.93 -33.00 -1.75
N GLY A 178 19.88 -33.54 -1.14
CA GLY A 178 18.76 -34.08 -1.88
C GLY A 178 17.77 -32.98 -2.25
N ASP A 179 17.13 -33.14 -3.42
CA ASP A 179 16.09 -32.23 -3.85
C ASP A 179 14.92 -32.12 -2.86
N ASN A 180 14.72 -33.19 -2.12
CA ASN A 180 13.73 -33.24 -1.05
C ASN A 180 14.08 -32.43 0.22
N GLN A 181 15.29 -31.88 0.26
CA GLN A 181 15.76 -31.03 1.32
C GLN A 181 15.96 -29.58 0.87
N LYS A 182 15.35 -29.23 -0.27
CA LYS A 182 15.51 -27.92 -0.86
C LYS A 182 14.17 -27.28 -1.10
N TRP A 183 14.06 -26.01 -0.74
CA TRP A 183 12.73 -25.34 -0.68
C TRP A 183 12.78 -23.99 -1.38
N LYS A 184 11.96 -23.83 -2.41
CA LYS A 184 11.86 -22.57 -3.10
C LYS A 184 10.91 -21.65 -2.35
N ILE A 185 11.46 -20.54 -1.89
CA ILE A 185 10.68 -19.55 -1.14
C ILE A 185 10.16 -18.49 -2.08
N LEU A 186 8.86 -18.21 -2.03
CA LEU A 186 8.25 -17.22 -2.90
C LEU A 186 7.13 -16.47 -2.19
N TYR A 187 7.27 -15.15 -2.16
CA TYR A 187 6.30 -14.27 -1.56
C TYR A 187 5.07 -14.14 -2.46
N ASN A 188 3.91 -14.19 -1.84
CA ASN A 188 2.63 -14.00 -2.51
C ASN A 188 2.06 -12.61 -2.15
N GLU A 189 1.89 -11.76 -3.16
CA GLU A 189 1.41 -10.37 -3.00
C GLU A 189 0.03 -10.25 -2.38
N SER A 190 -0.91 -11.12 -2.78
CA SER A 190 -2.29 -11.16 -2.22
C SER A 190 -2.39 -11.59 -0.78
N LYS A 191 -1.78 -12.72 -0.45
CA LYS A 191 -1.74 -13.23 0.93
C LYS A 191 -0.80 -12.44 1.84
N MET A 192 0.18 -11.76 1.25
CA MET A 192 1.23 -11.09 2.03
C MET A 192 1.91 -12.09 2.96
N ALA A 193 2.27 -13.24 2.37
CA ALA A 193 2.94 -14.34 3.06
C ALA A 193 3.69 -15.24 2.04
N TYR A 194 4.51 -16.15 2.53
CA TYR A 194 5.37 -16.97 1.65
C TYR A 194 4.84 -18.37 1.44
N THR A 195 5.13 -18.95 0.28
CA THR A 195 5.14 -20.40 0.10
C THR A 195 6.54 -20.95 0.08
N LEU A 196 6.65 -22.23 0.45
CA LEU A 196 7.88 -22.98 0.42
C LEU A 196 7.62 -24.26 -0.39
N THR A 197 8.15 -24.31 -1.61
CA THR A 197 7.92 -25.40 -2.54
C THR A 197 9.10 -26.36 -2.52
N CYS A 198 8.83 -27.62 -2.16
CA CYS A 198 9.83 -28.67 -2.20
C CYS A 198 10.29 -28.89 -3.64
N ILE A 199 11.58 -28.82 -3.89
CA ILE A 199 12.10 -28.96 -5.26
C ILE A 199 11.82 -30.35 -5.87
N LYS A 200 11.84 -31.41 -5.03
CA LYS A 200 11.60 -32.76 -5.53
C LYS A 200 10.28 -32.91 -6.25
N ASN A 201 9.21 -32.36 -5.68
CA ASN A 201 7.86 -32.63 -6.17
C ASN A 201 6.95 -31.43 -6.44
N ASN A 202 7.51 -30.21 -6.46
CA ASN A 202 6.75 -28.98 -6.72
C ASN A 202 5.52 -28.78 -5.83
N GLU A 203 5.58 -29.29 -4.61
CA GLU A 203 4.48 -29.13 -3.67
C GLU A 203 4.85 -28.16 -2.53
N TYR A 204 3.84 -27.48 -2.00
CA TYR A 204 3.96 -26.55 -0.89
C TYR A 204 4.10 -27.24 0.45
N LEU A 205 5.08 -26.83 1.24
CA LEU A 205 5.09 -27.10 2.67
C LEU A 205 3.75 -26.64 3.26
N THR A 206 3.12 -27.53 4.01
CA THR A 206 1.68 -27.41 4.33
C THR A 206 1.44 -27.93 5.74
N TRP A 207 0.72 -27.14 6.52
CA TRP A 207 0.15 -27.64 7.78
C TRP A 207 -1.21 -28.26 7.47
N PHE A 208 -1.36 -29.55 7.78
CA PHE A 208 -2.64 -30.26 7.64
C PHE A 208 -3.55 -29.86 8.79
N SER A 209 -4.13 -28.67 8.62
CA SER A 209 -4.74 -27.90 9.70
C SER A 209 -6.11 -28.42 10.15
N SER A 210 -6.80 -29.13 9.28
CA SER A 210 -8.08 -29.74 9.63
C SER A 210 -7.93 -30.92 10.60
N ILE A 211 -6.84 -31.68 10.48
CA ILE A 211 -6.75 -33.01 11.12
C ILE A 211 -5.63 -33.22 12.14
N GLY A 212 -5.00 -32.14 12.62
CA GLY A 212 -3.89 -32.29 13.56
C GLY A 212 -2.81 -31.23 13.43
N ASN A 213 -1.64 -31.56 13.95
CA ASN A 213 -0.50 -30.65 14.01
C ASN A 213 0.56 -30.87 12.93
N ASN A 214 0.33 -31.83 12.03
CA ASN A 214 1.42 -32.31 11.18
C ASN A 214 1.70 -31.37 10.03
N VAL A 215 2.99 -31.25 9.74
CA VAL A 215 3.44 -30.52 8.58
C VAL A 215 3.99 -31.54 7.59
N GLY A 216 3.55 -31.39 6.35
CA GLY A 216 4.16 -32.10 5.25
C GLY A 216 4.09 -31.25 4.02
N THR A 217 3.96 -31.92 2.90
CA THR A 217 3.87 -31.29 1.62
C THR A 217 2.48 -31.61 1.03
N TYR A 218 1.93 -30.71 0.21
CA TYR A 218 0.64 -30.92 -0.42
C TYR A 218 0.50 -30.10 -1.72
N ARG A 219 -0.39 -30.57 -2.58
CA ARG A 219 -0.64 -30.01 -3.90
C ARG A 219 -0.86 -28.50 -3.83
N THR A 220 -0.47 -27.80 -4.90
CA THR A 220 -0.43 -26.34 -4.92
C THR A 220 -1.81 -25.67 -5.07
N GLU A 221 -2.72 -26.04 -4.18
CA GLU A 221 -4.10 -25.54 -4.19
C GLU A 221 -4.13 -24.06 -3.80
N GLY A 222 -3.22 -23.67 -2.92
CA GLY A 222 -3.16 -22.29 -2.42
C GLY A 222 -4.15 -22.03 -1.29
N ASN A 223 -4.32 -23.04 -0.43
CA ASN A 223 -5.11 -22.93 0.79
C ASN A 223 -4.35 -22.14 1.85
N ASN A 224 -5.10 -21.60 2.81
CA ASN A 224 -4.55 -20.77 3.90
C ASN A 224 -3.45 -21.43 4.73
N ASP A 225 -3.58 -22.73 4.97
CA ASP A 225 -2.55 -23.49 5.66
C ASP A 225 -1.27 -23.81 4.84
N GLN A 226 -1.23 -23.36 3.58
CA GLN A 226 -0.05 -23.50 2.74
C GLN A 226 0.82 -22.23 2.65
N TYR A 227 0.43 -21.17 3.36
CA TYR A 227 1.22 -19.93 3.43
C TYR A 227 1.86 -19.73 4.80
N TRP A 228 3.01 -19.08 4.79
CA TRP A 228 3.82 -18.89 6.01
C TRP A 228 4.39 -17.47 6.14
N PHE A 229 4.55 -17.07 7.39
CA PHE A 229 5.28 -15.87 7.74
C PHE A 229 6.67 -16.32 8.16
N ILE A 230 7.69 -15.70 7.58
CA ILE A 230 9.10 -15.94 7.89
C ILE A 230 9.64 -14.64 8.51
N ASN A 231 10.15 -14.74 9.72
CA ASN A 231 10.68 -13.58 10.43
C ASN A 231 11.97 -13.96 11.10
N TYR A 232 12.72 -12.96 11.54
CA TYR A 232 13.87 -13.22 12.44
C TYR A 232 13.38 -13.43 13.83
N LEU A 233 14.20 -14.08 14.65
CA LEU A 233 13.92 -14.12 16.08
C LEU A 233 13.79 -12.67 16.57
N ASN A 234 12.92 -12.48 17.55
CA ASN A 234 12.56 -11.15 18.00
C ASN A 234 13.75 -10.20 18.11
N ASN A 235 14.81 -10.73 18.70
CA ASN A 235 15.98 -9.93 18.99
C ASN A 235 17.20 -10.13 18.10
N ASP A 236 17.20 -11.23 17.34
CA ASP A 236 18.40 -11.86 16.80
C ASP A 236 18.19 -12.32 15.33
N ALA A 237 18.91 -11.69 14.41
CA ALA A 237 18.72 -11.90 12.99
C ALA A 237 19.57 -13.05 12.40
N SER A 238 20.21 -13.86 13.24
CA SER A 238 20.92 -15.06 12.79
C SER A 238 19.99 -16.26 12.66
N MET A 239 18.79 -16.18 13.23
CA MET A 239 17.87 -17.28 13.18
C MET A 239 16.49 -16.78 12.86
N TYR A 240 15.61 -17.72 12.55
CA TYR A 240 14.30 -17.44 12.00
C TYR A 240 13.20 -18.22 12.66
N THR A 241 12.00 -17.66 12.66
CA THR A 241 10.78 -18.39 12.93
C THR A 241 9.98 -18.48 11.63
N ILE A 242 9.18 -19.54 11.53
CA ILE A 242 8.30 -19.78 10.39
C ILE A 242 6.93 -20.14 10.98
N SER A 243 5.93 -19.30 10.73
CA SER A 243 4.60 -19.47 11.30
C SER A 243 3.54 -19.42 10.23
N ASN A 244 2.41 -20.01 10.56
CA ASN A 244 1.41 -20.34 9.57
C ASN A 244 0.34 -19.27 9.35
N PHE A 245 0.10 -18.93 8.08
CA PHE A 245 -0.86 -17.89 7.70
C PHE A 245 -2.30 -18.12 8.25
N SER A 246 -2.71 -19.39 8.24
CA SER A 246 -4.01 -19.87 8.79
C SER A 246 -4.26 -19.48 10.24
N ASN A 247 -3.19 -19.57 11.04
CA ASN A 247 -3.20 -19.28 12.48
C ASN A 247 -1.79 -18.86 12.93
N GLN A 248 -1.59 -17.55 13.10
CA GLN A 248 -0.28 -16.95 13.42
C GLN A 248 0.39 -17.44 14.70
N SER A 249 -0.37 -18.02 15.63
CA SER A 249 0.22 -18.57 16.86
C SER A 249 0.88 -19.94 16.65
N LYS A 250 0.71 -20.53 15.47
CA LYS A 250 1.26 -21.84 15.15
C LYS A 250 2.58 -21.70 14.38
N PHE A 251 3.66 -22.13 15.04
CA PHE A 251 5.02 -22.01 14.58
C PHE A 251 5.57 -23.38 14.24
N LEU A 252 6.40 -23.42 13.22
CA LEU A 252 7.09 -24.63 12.79
C LEU A 252 8.00 -25.09 13.89
N ASP A 253 7.92 -26.41 14.17
CA ASP A 253 8.36 -26.98 15.45
C ASP A 253 8.86 -28.42 15.26
N VAL A 254 10.03 -28.70 15.81
CA VAL A 254 10.61 -30.03 15.87
C VAL A 254 10.05 -30.74 17.12
N VAL A 255 9.19 -31.74 16.88
CA VAL A 255 8.42 -32.41 17.93
C VAL A 255 9.34 -32.83 19.10
N ASN A 256 8.99 -32.35 20.30
CA ASN A 256 9.71 -32.63 21.55
C ASN A 256 11.21 -32.40 21.50
N SER A 257 11.62 -31.51 20.60
CA SER A 257 13.03 -31.20 20.39
C SER A 257 13.93 -32.42 20.15
N GLY A 258 13.39 -33.45 19.49
CA GLY A 258 14.20 -34.64 19.15
C GLY A 258 15.37 -34.25 18.26
N LEU A 259 16.55 -34.79 18.53
CA LEU A 259 17.76 -34.52 17.74
C LEU A 259 18.05 -35.50 16.60
N ALA A 260 17.20 -36.50 16.40
CA ALA A 260 17.55 -37.65 15.53
C ALA A 260 16.89 -37.59 14.15
N ASP A 261 17.56 -38.20 13.17
CA ASP A 261 17.03 -38.37 11.82
C ASP A 261 15.61 -38.90 11.89
N GLY A 262 14.68 -38.23 11.22
CA GLY A 262 13.28 -38.67 11.16
C GLY A 262 12.35 -38.02 12.17
N THR A 263 12.88 -37.27 13.14
CA THR A 263 12.02 -36.54 14.11
C THR A 263 11.02 -35.69 13.34
N ASN A 264 9.75 -35.79 13.69
CA ASN A 264 8.69 -35.15 12.91
C ASN A 264 8.73 -33.63 13.02
N VAL A 265 8.25 -32.96 11.97
CA VAL A 265 8.09 -31.52 11.97
C VAL A 265 6.61 -31.22 11.98
N GLN A 266 6.23 -30.28 12.84
CA GLN A 266 4.85 -29.94 13.06
C GLN A 266 4.77 -28.43 13.25
N VAL A 267 3.54 -27.93 13.36
CA VAL A 267 3.26 -26.66 13.99
C VAL A 267 2.88 -26.88 15.45
N TRP A 268 3.08 -25.84 16.23
CA TRP A 268 2.90 -25.86 17.69
C TRP A 268 2.77 -24.41 18.20
N ASP A 269 2.10 -24.22 19.33
CA ASP A 269 1.93 -22.88 19.90
C ASP A 269 3.28 -22.22 20.13
N SER A 270 3.33 -20.93 19.80
CA SER A 270 4.51 -20.09 20.01
C SER A 270 5.03 -20.26 21.41
N ASN A 271 6.28 -20.63 21.56
CA ASN A 271 6.87 -20.77 22.91
C ASN A 271 8.31 -20.29 23.10
N GLY A 272 8.90 -19.66 22.08
CA GLY A 272 10.31 -19.21 22.15
C GLY A 272 11.42 -20.26 22.31
N THR A 273 11.11 -21.55 22.13
CA THR A 273 12.16 -22.59 22.27
C THR A 273 12.99 -22.75 21.01
N SER A 274 14.15 -23.35 21.20
CA SER A 274 15.07 -23.74 20.13
C SER A 274 14.40 -24.60 19.06
N ALA A 275 13.41 -25.39 19.47
CA ALA A 275 12.66 -26.22 18.54
C ALA A 275 11.91 -25.45 17.46
N GLN A 276 11.60 -24.18 17.74
CA GLN A 276 10.90 -23.29 16.82
C GLN A 276 11.82 -22.24 16.16
N LYS A 277 13.14 -22.46 16.25
CA LYS A 277 14.16 -21.57 15.71
C LYS A 277 14.86 -22.28 14.58
N TRP A 278 14.97 -21.60 13.43
CA TRP A 278 15.49 -22.20 12.20
C TRP A 278 16.58 -21.34 11.60
N ILE A 279 17.35 -21.95 10.71
CA ILE A 279 18.40 -21.26 9.97
C ILE A 279 18.16 -21.50 8.48
N ILE A 280 17.69 -20.45 7.81
CA ILE A 280 17.41 -20.48 6.39
C ILE A 280 18.66 -19.98 5.66
N THR A 281 19.16 -20.80 4.75
CA THR A 281 20.32 -20.45 3.93
C THR A 281 20.03 -20.62 2.45
N ARG A 282 20.26 -19.54 1.71
CA ARG A 282 20.08 -19.52 0.27
C ARG A 282 21.18 -20.34 -0.39
N LEU A 283 20.77 -21.18 -1.33
CA LEU A 283 21.70 -22.01 -2.11
C LEU A 283 21.98 -21.36 -3.46
N GLN B 1 -8.17 -2.51 4.52
CA GLN B 1 -9.06 -3.47 3.76
C GLN B 1 -9.01 -3.32 2.22
N THR B 2 -8.90 -2.09 1.73
CA THR B 2 -8.78 -1.81 0.30
C THR B 2 -7.58 -0.91 -0.03
N ASN B 3 -7.00 -1.10 -1.20
CA ASN B 3 -6.01 -0.14 -1.72
C ASN B 3 -6.61 1.01 -2.57
N ALA B 4 -7.94 1.05 -2.65
CA ALA B 4 -8.67 2.03 -3.48
C ALA B 4 -8.55 3.47 -3.00
N ASN B 5 -8.25 3.68 -1.72
CA ASN B 5 -8.03 5.01 -1.13
C ASN B 5 -6.58 5.46 -1.09
N ASP B 6 -5.71 4.75 -1.81
CA ASP B 6 -4.32 5.14 -1.89
C ASP B 6 -4.15 6.47 -2.60
N LEU B 7 -3.09 7.18 -2.22
CA LEU B 7 -2.88 8.59 -2.61
C LEU B 7 -2.34 8.72 -4.04
N ARG B 8 -3.15 8.24 -4.98
CA ARG B 8 -2.77 8.17 -6.39
C ARG B 8 -2.92 9.53 -7.07
N ASN B 9 -1.96 9.81 -7.96
CA ASN B 9 -2.07 10.90 -8.90
C ASN B 9 -3.38 10.77 -9.64
N ASN B 10 -4.04 11.91 -9.80
CA ASN B 10 -5.23 12.06 -10.63
C ASN B 10 -6.50 11.40 -10.05
N GLU B 11 -6.49 10.99 -8.78
CA GLU B 11 -7.74 10.55 -8.13
C GLU B 11 -8.37 11.68 -7.34
N VAL B 12 -9.63 11.50 -7.01
CA VAL B 12 -10.44 12.52 -6.34
C VAL B 12 -10.88 11.96 -4.99
N PHE B 13 -10.82 12.82 -3.97
CA PHE B 13 -10.94 12.41 -2.57
C PHE B 13 -11.80 13.34 -1.74
N PHE B 14 -12.40 12.76 -0.70
CA PHE B 14 -12.80 13.52 0.47
C PHE B 14 -11.60 13.54 1.39
N ILE B 15 -11.33 14.70 1.96
CA ILE B 15 -10.26 14.89 2.91
C ILE B 15 -10.92 15.18 4.24
N SER B 16 -10.79 14.27 5.20
CA SER B 16 -11.44 14.45 6.48
C SER B 16 -10.44 14.52 7.64
N PRO B 17 -10.83 15.19 8.73
CA PRO B 17 -10.01 15.17 9.92
C PRO B 17 -10.03 13.78 10.51
N SER B 18 -8.91 13.33 11.06
CA SER B 18 -8.79 11.99 11.65
C SER B 18 -9.77 11.75 12.81
N ASN B 19 -10.24 12.81 13.46
CA ASN B 19 -11.16 12.66 14.58
C ASN B 19 -12.64 12.67 14.21
N ASN B 20 -12.97 12.72 12.92
CA ASN B 20 -14.37 12.82 12.50
C ASN B 20 -14.62 12.52 11.02
N THR B 21 -15.09 11.30 10.78
CA THR B 21 -15.42 10.82 9.44
C THR B 21 -16.60 11.55 8.75
N ASN B 22 -17.49 12.15 9.56
CA ASN B 22 -18.60 12.99 9.04
C ASN B 22 -18.29 14.46 8.78
N LYS B 23 -17.04 14.90 8.92
CA LYS B 23 -16.66 16.22 8.38
C LYS B 23 -15.63 16.08 7.27
N VAL B 24 -15.61 17.04 6.35
CA VAL B 24 -14.68 17.03 5.24
C VAL B 24 -14.21 18.44 4.91
N LEU B 25 -13.08 18.51 4.22
CA LEU B 25 -12.57 19.74 3.69
C LEU B 25 -13.54 20.28 2.62
N ASP B 26 -13.96 21.53 2.79
CA ASP B 26 -15.08 22.10 2.03
C ASP B 26 -14.72 23.51 1.54
N LYS B 27 -14.77 23.71 0.22
CA LYS B 27 -14.65 25.05 -0.36
C LYS B 27 -15.99 25.75 -0.13
N ILE B 28 -16.02 26.68 0.80
CA ILE B 28 -17.24 27.39 1.22
C ILE B 28 -17.59 28.67 0.43
N SER B 29 -16.65 29.18 -0.36
CA SER B 29 -16.85 30.44 -1.11
C SER B 29 -15.84 30.46 -2.23
N GLN B 30 -15.71 31.60 -2.92
CA GLN B 30 -14.70 31.79 -3.99
C GLN B 30 -13.24 31.64 -3.54
N SER B 31 -12.98 31.88 -2.25
CA SER B 31 -11.60 31.83 -1.71
C SER B 31 -11.38 31.01 -0.43
N GLU B 32 -12.43 30.68 0.31
CA GLU B 32 -12.28 30.12 1.65
C GLU B 32 -12.58 28.63 1.73
N VAL B 33 -11.86 27.98 2.63
CA VAL B 33 -12.06 26.57 2.93
C VAL B 33 -12.30 26.44 4.40
N LYS B 34 -12.94 25.33 4.74
CA LYS B 34 -13.31 25.04 6.11
C LYS B 34 -13.71 23.57 6.22
N LEU B 35 -13.66 23.00 7.41
CA LEU B 35 -14.29 21.70 7.61
C LEU B 35 -15.80 21.90 7.72
N TRP B 36 -16.56 21.01 7.11
CA TRP B 36 -18.02 21.08 7.08
C TRP B 36 -18.57 19.69 7.10
N ASN B 37 -19.83 19.58 7.53
CA ASN B 37 -20.56 18.32 7.48
C ASN B 37 -20.54 17.72 6.07
N LYS B 38 -20.26 16.43 6.00
CA LYS B 38 -20.14 15.74 4.72
C LYS B 38 -21.48 15.60 4.00
N LEU B 39 -21.52 16.17 2.80
CA LEU B 39 -22.70 16.13 1.92
C LEU B 39 -22.41 15.50 0.55
N SER B 40 -21.14 15.20 0.24
CA SER B 40 -20.72 14.70 -1.08
C SER B 40 -20.99 15.63 -2.28
N GLY B 41 -21.02 16.93 -2.02
CA GLY B 41 -21.09 17.93 -3.09
C GLY B 41 -19.71 18.09 -3.73
N ALA B 42 -19.70 18.66 -4.93
CA ALA B 42 -18.49 18.82 -5.72
C ALA B 42 -17.44 19.73 -5.05
N ASN B 43 -17.92 20.69 -4.26
CA ASN B 43 -17.06 21.58 -3.47
C ASN B 43 -16.38 20.91 -2.25
N GLN B 44 -16.68 19.63 -2.02
CA GLN B 44 -16.03 18.83 -1.00
C GLN B 44 -15.15 17.75 -1.60
N LYS B 45 -14.82 17.88 -2.87
CA LYS B 45 -14.07 16.88 -3.58
C LYS B 45 -12.82 17.50 -4.18
N TRP B 46 -11.72 16.76 -4.09
CA TRP B 46 -10.38 17.27 -4.35
C TRP B 46 -9.55 16.30 -5.18
N ARG B 47 -9.10 16.77 -6.34
CA ARG B 47 -8.18 16.00 -7.18
C ARG B 47 -6.72 16.27 -6.78
N LEU B 48 -5.98 15.16 -6.66
CA LEU B 48 -4.55 15.17 -6.46
C LEU B 48 -3.80 15.27 -7.78
N ILE B 49 -2.82 16.18 -7.84
CA ILE B 49 -1.98 16.36 -9.02
C ILE B 49 -0.54 16.34 -8.55
N TYR B 50 0.12 15.22 -8.79
CA TYR B 50 1.48 14.98 -8.34
C TYR B 50 2.52 15.60 -9.29
N ASP B 51 3.56 16.16 -8.71
CA ASP B 51 4.76 16.58 -9.41
C ASP B 51 5.89 15.62 -8.97
N THR B 52 6.41 14.86 -9.93
CA THR B 52 7.43 13.85 -9.64
C THR B 52 8.75 14.45 -9.19
N ASN B 53 9.09 15.65 -9.63
CA ASN B 53 10.33 16.31 -9.17
C ASN B 53 10.26 16.75 -7.69
N LYS B 54 9.14 17.34 -7.29
CA LYS B 54 8.95 17.82 -5.94
C LYS B 54 8.54 16.71 -4.97
N GLN B 55 8.02 15.60 -5.49
CA GLN B 55 7.40 14.53 -4.67
C GLN B 55 6.25 15.09 -3.81
N ALA B 56 5.49 15.99 -4.42
CA ALA B 56 4.44 16.70 -3.72
C ALA B 56 3.31 16.96 -4.67
N TYR B 57 2.17 17.37 -4.10
CA TYR B 57 0.93 17.47 -4.85
C TYR B 57 0.27 18.82 -4.78
N LYS B 58 -0.48 19.09 -5.84
CA LYS B 58 -1.48 20.12 -5.82
C LYS B 58 -2.81 19.50 -5.47
N ILE B 59 -3.65 20.25 -4.75
CA ILE B 59 -4.95 19.75 -4.27
C ILE B 59 -6.08 20.63 -4.80
N LYS B 60 -6.78 20.11 -5.82
CA LYS B 60 -7.69 20.93 -6.65
C LYS B 60 -9.14 20.62 -6.40
N VAL B 61 -9.90 21.65 -6.03
CA VAL B 61 -11.32 21.50 -5.81
C VAL B 61 -12.03 21.14 -7.14
N MET B 62 -13.10 20.38 -7.05
CA MET B 62 -13.78 19.81 -8.21
C MET B 62 -15.19 20.38 -8.48
N ASP B 63 -15.44 21.62 -8.02
CA ASP B 63 -16.69 22.33 -8.30
C ASP B 63 -16.64 23.16 -9.61
N ASN B 64 -15.67 22.86 -10.47
CA ASN B 64 -15.47 23.51 -11.77
C ASN B 64 -14.82 24.91 -11.72
N THR B 65 -14.35 25.34 -10.56
CA THR B 65 -13.58 26.60 -10.46
C THR B 65 -12.08 26.44 -10.71
N SER B 66 -11.58 25.21 -10.62
CA SER B 66 -10.16 24.91 -10.80
C SER B 66 -9.21 25.51 -9.75
N LEU B 67 -9.75 25.97 -8.62
CA LEU B 67 -8.93 26.53 -7.58
C LEU B 67 -8.22 25.43 -6.76
N ILE B 68 -7.04 25.76 -6.24
CA ILE B 68 -6.21 24.79 -5.51
C ILE B 68 -5.89 25.28 -4.11
N LEU B 69 -5.68 24.32 -3.19
CA LEU B 69 -5.42 24.63 -1.78
C LEU B 69 -4.08 25.34 -1.66
N THR B 70 -4.08 26.49 -1.00
CA THR B 70 -2.97 27.44 -1.02
C THR B 70 -2.64 27.89 0.40
N TRP B 71 -1.37 27.79 0.79
CA TRP B 71 -0.90 28.46 2.01
C TRP B 71 -0.68 29.94 1.72
N ASN B 72 -1.39 30.82 2.41
CA ASN B 72 -1.24 32.30 2.23
C ASN B 72 0.02 32.88 2.90
N ALA B 73 1.18 32.40 2.46
CA ALA B 73 2.45 32.87 2.97
C ALA B 73 2.51 34.39 2.86
N PRO B 74 3.07 35.12 3.82
CA PRO B 74 3.70 34.59 5.05
C PRO B 74 2.74 34.46 6.26
N LEU B 75 1.42 34.52 6.03
CA LEU B 75 0.43 34.35 7.08
C LEU B 75 0.26 32.85 7.42
N SER B 76 -0.55 32.54 8.42
CA SER B 76 -0.78 31.16 8.78
C SER B 76 -2.09 30.60 8.19
N SER B 77 -2.79 31.42 7.41
CA SER B 77 -4.06 31.04 6.83
C SER B 77 -3.89 30.23 5.53
N VAL B 78 -4.98 29.59 5.13
CA VAL B 78 -5.04 28.89 3.86
C VAL B 78 -6.29 29.33 3.10
N SER B 79 -6.26 29.13 1.80
CA SER B 79 -7.38 29.48 0.96
C SER B 79 -7.42 28.55 -0.24
N VAL B 80 -8.37 28.80 -1.15
CA VAL B 80 -8.30 28.27 -2.51
C VAL B 80 -8.07 29.43 -3.48
N LYS B 81 -7.14 29.23 -4.40
CA LYS B 81 -6.69 30.28 -5.31
C LYS B 81 -6.36 29.65 -6.64
N THR B 82 -6.27 30.53 -7.63
CA THR B 82 -5.80 30.19 -8.96
C THR B 82 -4.48 29.44 -8.87
N ASP B 83 -4.35 28.40 -9.69
CA ASP B 83 -3.15 27.63 -9.77
C ASP B 83 -2.09 28.48 -10.47
N THR B 84 -1.08 28.88 -9.72
CA THR B 84 0.08 29.56 -10.28
C THR B 84 1.31 28.71 -10.16
N ASN B 85 1.14 27.43 -9.89
CA ASN B 85 2.24 26.52 -9.60
C ASN B 85 3.22 27.00 -8.50
N GLY B 86 2.72 27.74 -7.53
CA GLY B 86 3.56 28.24 -6.45
C GLY B 86 3.99 27.10 -5.53
N ASP B 87 5.18 27.20 -4.99
CA ASP B 87 5.69 26.26 -4.01
C ASP B 87 4.71 26.13 -2.81
N ASN B 88 4.08 27.25 -2.47
CA ASN B 88 3.07 27.33 -1.42
C ASN B 88 1.75 26.65 -1.71
N GLN B 89 1.56 26.19 -2.95
CA GLN B 89 0.39 25.46 -3.40
C GLN B 89 0.72 23.98 -3.60
N TYR B 90 1.96 23.59 -3.30
CA TYR B 90 2.32 22.19 -3.31
C TYR B 90 2.35 21.66 -1.88
N TRP B 91 2.00 20.39 -1.74
CA TRP B 91 1.87 19.75 -0.45
C TRP B 91 2.40 18.32 -0.52
N TYR B 92 3.26 17.97 0.43
CA TYR B 92 3.62 16.57 0.64
C TYR B 92 2.44 15.88 1.30
N LEU B 93 2.11 14.68 0.85
CA LEU B 93 1.09 13.88 1.51
C LEU B 93 1.78 12.64 2.08
N LEU B 94 2.08 12.67 3.37
CA LEU B 94 2.95 11.67 3.98
C LEU B 94 2.13 10.81 4.93
N GLN B 95 2.06 9.52 4.62
CA GLN B 95 1.06 8.63 5.19
C GLN B 95 1.63 7.62 6.19
N ASN B 96 0.87 7.43 7.28
CA ASN B 96 1.12 6.39 8.24
C ASN B 96 0.50 5.08 7.74
N TYR B 97 1.33 4.04 7.61
CA TYR B 97 0.90 2.77 7.04
C TYR B 97 -0.26 2.09 7.77
N ILE B 98 -0.19 1.99 9.08
CA ILE B 98 -1.20 1.26 9.86
C ILE B 98 -2.51 2.05 9.95
N SER B 99 -2.46 3.27 10.49
CA SER B 99 -3.67 4.08 10.72
C SER B 99 -4.26 4.65 9.45
N ARG B 100 -3.45 4.76 8.40
CA ARG B 100 -3.82 5.43 7.13
C ARG B 100 -3.95 6.97 7.23
N ASN B 101 -3.58 7.53 8.35
CA ASN B 101 -3.62 8.97 8.56
C ASN B 101 -2.51 9.67 7.74
N VAL B 102 -2.75 10.90 7.33
CA VAL B 102 -1.85 11.62 6.44
C VAL B 102 -1.55 13.00 6.99
N ILE B 103 -0.29 13.40 6.94
CA ILE B 103 0.01 14.82 7.16
C ILE B 103 0.06 15.50 5.80
N ILE B 104 -0.36 16.76 5.79
CA ILE B 104 -0.45 17.56 4.58
C ILE B 104 0.57 18.65 4.85
N ARG B 105 1.79 18.43 4.34
CA ARG B 105 2.92 19.27 4.70
C ARG B 105 3.28 20.17 3.54
N ASN B 106 3.41 21.46 3.81
CA ASN B 106 3.64 22.43 2.76
C ASN B 106 5.03 22.28 2.12
N TYR B 107 5.07 22.37 0.80
CA TYR B 107 6.33 22.22 0.04
C TYR B 107 7.25 23.43 0.23
N MET B 108 6.67 24.62 0.27
CA MET B 108 7.47 25.84 0.34
C MET B 108 8.11 25.92 1.71
N ASN B 109 7.33 25.61 2.73
CA ASN B 109 7.87 25.57 4.09
C ASN B 109 7.43 24.30 4.80
N PRO B 110 8.23 23.23 4.65
CA PRO B 110 7.89 21.95 5.23
C PRO B 110 7.92 21.88 6.77
N ASN B 111 8.33 22.93 7.48
CA ASN B 111 8.01 23.05 8.91
C ASN B 111 6.51 23.05 9.16
N LEU B 112 5.72 23.50 8.19
CA LEU B 112 4.29 23.71 8.36
C LEU B 112 3.44 22.61 7.75
N VAL B 113 2.38 22.23 8.48
CA VAL B 113 1.39 21.30 7.98
C VAL B 113 0.01 21.89 8.14
N LEU B 114 -0.93 21.34 7.37
CA LEU B 114 -2.35 21.68 7.57
C LEU B 114 -2.81 21.20 8.96
N GLN B 115 -3.65 22.01 9.59
CA GLN B 115 -4.21 21.74 10.91
C GLN B 115 -5.69 22.14 10.92
N TYR B 116 -6.52 21.31 11.55
CA TYR B 116 -7.92 21.64 11.79
C TYR B 116 -8.11 22.05 13.25
N ASN B 117 -8.87 23.13 13.45
CA ASN B 117 -9.11 23.73 14.78
C ASN B 117 -10.45 23.26 15.34
N ILE B 118 -10.65 23.42 16.65
CA ILE B 118 -11.91 23.01 17.34
C ILE B 118 -13.13 23.61 16.67
N ASP B 119 -13.00 24.85 16.20
CA ASP B 119 -14.10 25.56 15.52
C ASP B 119 -14.24 25.24 14.03
N ASP B 120 -13.62 24.16 13.55
CA ASP B 120 -13.68 23.74 12.14
C ASP B 120 -12.89 24.59 11.10
N THR B 121 -12.21 25.64 11.55
CA THR B 121 -11.32 26.40 10.67
C THR B 121 -10.04 25.61 10.44
N LEU B 122 -9.32 26.03 9.40
CA LEU B 122 -8.07 25.45 8.99
C LEU B 122 -6.98 26.48 9.03
N MET B 123 -5.75 26.03 9.23
CA MET B 123 -4.58 26.88 9.20
C MET B 123 -3.40 25.98 8.93
N VAL B 124 -2.22 26.58 8.78
CA VAL B 124 -0.97 25.83 8.85
C VAL B 124 -0.31 26.11 10.20
N SER B 125 0.43 25.13 10.70
CA SER B 125 1.14 25.24 11.97
C SER B 125 2.38 24.38 11.97
N THR B 126 3.33 24.71 12.85
CA THR B 126 4.46 23.83 13.10
C THR B 126 3.93 22.51 13.68
N GLN B 127 4.75 21.46 13.56
CA GLN B 127 4.26 20.11 13.76
C GLN B 127 4.24 19.68 15.23
N THR B 128 3.18 18.95 15.59
CA THR B 128 3.00 18.38 16.93
C THR B 128 2.52 16.95 16.78
N SER B 129 2.44 16.24 17.90
CA SER B 129 1.89 14.88 17.93
C SER B 129 0.36 14.84 18.08
N SER B 130 -0.31 15.97 17.92
CA SER B 130 -1.75 16.01 18.02
C SER B 130 -2.45 15.41 16.78
N SER B 131 -3.63 14.82 17.00
CA SER B 131 -4.46 14.30 15.92
C SER B 131 -5.07 15.41 15.05
N ASN B 132 -4.99 16.67 15.52
CA ASN B 132 -5.48 17.79 14.74
C ASN B 132 -4.64 18.15 13.50
N GLN B 133 -3.51 17.45 13.30
CA GLN B 133 -2.69 17.51 12.09
C GLN B 133 -2.71 16.21 11.26
N PHE B 134 -3.63 15.28 11.56
CA PHE B 134 -3.77 14.04 10.77
C PHE B 134 -5.10 14.05 10.07
N PHE B 135 -5.07 13.69 8.78
CA PHE B 135 -6.26 13.63 7.94
C PHE B 135 -6.38 12.24 7.32
N LYS B 136 -7.59 11.86 6.93
CA LYS B 136 -7.83 10.68 6.10
C LYS B 136 -8.32 11.07 4.74
N PHE B 137 -7.94 10.27 3.74
CA PHE B 137 -8.35 10.43 2.37
C PHE B 137 -9.22 9.25 1.98
N SER B 138 -10.41 9.52 1.46
CA SER B 138 -11.35 8.51 0.92
C SER B 138 -11.66 8.80 -0.55
N ASN B 139 -11.46 7.80 -1.41
CA ASN B 139 -11.66 7.94 -2.85
C ASN B 139 -13.16 8.02 -3.10
N CYS B 140 -13.60 9.14 -3.67
CA CYS B 140 -15.02 9.43 -3.83
C CYS B 140 -15.77 8.39 -4.69
N ILE B 141 -15.17 8.00 -5.82
CA ILE B 141 -15.78 7.07 -6.78
C ILE B 141 -16.01 5.66 -6.19
N TYR B 142 -15.03 5.17 -5.44
CA TYR B 142 -15.14 3.93 -4.69
C TYR B 142 -16.23 4.00 -3.63
N GLU B 143 -16.28 5.09 -2.89
CA GLU B 143 -17.35 5.29 -1.93
C GLU B 143 -18.74 5.30 -2.60
N SER B 144 -18.85 5.99 -3.72
CA SER B 144 -20.12 6.12 -4.46
C SER B 144 -20.67 4.80 -5.02
N PHE B 145 -19.80 4.01 -5.65
CA PHE B 145 -20.24 2.92 -6.54
C PHE B 145 -19.72 1.51 -6.28
N ASN B 146 -18.73 1.33 -5.42
CA ASN B 146 -18.15 -0.01 -5.30
C ASN B 146 -19.21 -0.97 -4.81
N ASN B 147 -19.23 -2.16 -5.41
CA ASN B 147 -20.19 -3.23 -5.09
C ASN B 147 -21.63 -2.74 -5.16
N SER B 148 -21.94 -2.08 -6.27
CA SER B 148 -23.21 -1.39 -6.43
C SER B 148 -23.71 -1.54 -7.85
N THR B 149 -25.03 -1.52 -8.00
CA THR B 149 -25.66 -1.64 -9.31
C THR B 149 -26.08 -0.27 -9.79
N CYS B 150 -25.72 0.04 -11.04
CA CYS B 150 -25.82 1.40 -11.58
C CYS B 150 -26.37 1.48 -13.01
N LYS B 151 -27.10 2.56 -13.27
CA LYS B 151 -27.41 3.02 -14.63
C LYS B 151 -26.28 3.95 -15.09
N ILE B 152 -25.97 3.94 -16.38
CA ILE B 152 -24.87 4.74 -16.90
C ILE B 152 -25.37 5.48 -18.12
N GLN B 153 -25.55 6.78 -17.98
CA GLN B 153 -26.09 7.63 -19.04
C GLN B 153 -24.97 8.30 -19.84
N THR B 154 -25.13 8.38 -21.16
CA THR B 154 -24.30 9.30 -21.96
C THR B 154 -24.72 10.74 -21.69
N SER B 155 -23.74 11.65 -21.70
CA SER B 155 -24.01 13.08 -21.56
C SER B 155 -24.77 13.62 -22.76
N LEU B 156 -24.55 13.00 -23.93
CA LEU B 156 -25.14 13.44 -25.20
C LEU B 156 -26.66 13.53 -25.23
N THR B 157 -27.33 12.62 -24.52
CA THR B 157 -28.81 12.60 -24.42
C THR B 157 -29.25 11.61 -23.35
N ILE B 158 -30.53 11.65 -22.95
CA ILE B 158 -31.07 10.74 -21.90
C ILE B 158 -31.19 9.31 -22.45
N LYS B 159 -30.04 8.65 -22.54
CA LYS B 159 -29.88 7.29 -23.10
C LYS B 159 -28.80 6.58 -22.30
N PHE B 160 -28.90 5.26 -22.19
CA PHE B 160 -28.11 4.46 -21.25
C PHE B 160 -27.37 3.28 -21.88
N ILE B 161 -26.37 2.79 -21.15
CA ILE B 161 -25.51 1.71 -21.63
C ILE B 161 -26.40 0.47 -21.67
N ASP B 162 -26.50 -0.12 -22.86
CA ASP B 162 -27.49 -1.17 -23.18
C ASP B 162 -26.80 -2.34 -23.90
N LYS B 163 -26.89 -3.53 -23.31
CA LYS B 163 -26.47 -4.78 -23.98
C LYS B 163 -27.62 -5.31 -24.88
N ASN B 164 -27.31 -5.48 -26.17
CA ASN B 164 -28.21 -6.16 -27.13
C ASN B 164 -28.56 -7.59 -26.69
N GLN B 165 -29.79 -8.02 -26.90
CA GLN B 165 -30.27 -9.35 -26.49
C GLN B 165 -29.67 -10.51 -27.31
N ASN B 166 -29.53 -10.32 -28.63
CA ASN B 166 -29.02 -11.39 -29.54
C ASN B 166 -27.50 -11.38 -29.59
N SER B 167 -26.93 -10.20 -29.85
CA SER B 167 -25.49 -9.95 -29.74
C SER B 167 -25.11 -9.82 -28.26
N ASN B 168 -23.81 -9.76 -28.01
CA ASN B 168 -23.33 -9.26 -26.72
C ASN B 168 -22.88 -7.79 -26.87
N ASN B 169 -23.53 -7.06 -27.77
CA ASN B 169 -23.06 -5.73 -28.17
C ASN B 169 -23.72 -4.60 -27.37
N VAL B 170 -22.90 -3.62 -27.02
CA VAL B 170 -23.33 -2.52 -26.18
C VAL B 170 -23.58 -1.28 -27.05
N THR B 171 -24.72 -0.64 -26.79
CA THR B 171 -25.18 0.55 -27.48
C THR B 171 -25.74 1.52 -26.43
N ILE B 172 -26.11 2.73 -26.86
CA ILE B 172 -26.95 3.59 -26.03
C ILE B 172 -28.42 3.42 -26.43
N TRP B 173 -29.30 3.37 -25.43
CA TRP B 173 -30.74 3.15 -25.65
C TRP B 173 -31.55 3.79 -24.53
N SER B 174 -32.81 4.12 -24.82
CA SER B 174 -33.72 4.72 -23.83
C SER B 174 -33.96 3.78 -22.65
N TRP B 175 -34.45 4.34 -21.55
CA TRP B 175 -34.58 3.59 -20.31
C TRP B 175 -35.77 2.60 -20.36
N ASN B 176 -35.45 1.29 -20.31
CA ASN B 176 -36.45 0.21 -20.27
C ASN B 176 -36.74 -0.28 -18.87
N ASN B 177 -35.86 0.04 -17.92
CA ASN B 177 -35.80 -0.64 -16.62
C ASN B 177 -35.23 -2.07 -16.72
N GLY B 178 -34.61 -2.40 -17.86
CA GLY B 178 -34.17 -3.75 -18.16
C GLY B 178 -32.87 -4.09 -17.48
N ASP B 179 -32.71 -5.35 -17.09
CA ASP B 179 -31.45 -5.85 -16.54
C ASP B 179 -30.25 -5.75 -17.52
N ASN B 180 -30.53 -5.71 -18.82
CA ASN B 180 -29.50 -5.45 -19.83
C ASN B 180 -28.96 -3.99 -19.84
N GLN B 181 -29.59 -3.11 -19.05
CA GLN B 181 -29.15 -1.72 -18.86
C GLN B 181 -28.63 -1.39 -17.44
N LYS B 182 -28.47 -2.42 -16.62
CA LYS B 182 -28.03 -2.29 -15.24
C LYS B 182 -26.65 -2.94 -15.11
N TRP B 183 -25.75 -2.28 -14.39
CA TRP B 183 -24.34 -2.70 -14.31
C TRP B 183 -23.84 -2.67 -12.87
N LYS B 184 -23.32 -3.82 -12.43
CA LYS B 184 -22.75 -3.96 -11.11
C LYS B 184 -21.28 -3.52 -11.21
N ILE B 185 -20.97 -2.43 -10.49
CA ILE B 185 -19.61 -1.89 -10.45
C ILE B 185 -18.85 -2.53 -9.28
N LEU B 186 -17.66 -3.04 -9.58
CA LEU B 186 -16.84 -3.68 -8.55
C LEU B 186 -15.35 -3.46 -8.78
N TYR B 187 -14.70 -2.94 -7.74
CA TYR B 187 -13.26 -2.68 -7.76
C TYR B 187 -12.52 -4.01 -7.61
N ASN B 188 -11.48 -4.20 -8.42
CA ASN B 188 -10.57 -5.33 -8.29
C ASN B 188 -9.26 -4.87 -7.63
N GLU B 189 -8.98 -5.43 -6.46
CA GLU B 189 -7.82 -5.05 -5.65
C GLU B 189 -6.50 -5.26 -6.39
N SER B 190 -6.41 -6.35 -7.15
CA SER B 190 -5.17 -6.78 -7.79
C SER B 190 -4.83 -6.00 -9.05
N LYS B 191 -5.85 -5.68 -9.84
CA LYS B 191 -5.68 -4.87 -11.05
C LYS B 191 -5.70 -3.36 -10.73
N MET B 192 -6.29 -3.01 -9.59
CA MET B 192 -6.52 -1.61 -9.19
C MET B 192 -7.37 -0.92 -10.24
N ALA B 193 -8.47 -1.59 -10.57
CA ALA B 193 -9.40 -1.15 -11.61
C ALA B 193 -10.76 -1.80 -11.40
N TYR B 194 -11.74 -1.31 -12.14
CA TYR B 194 -13.13 -1.74 -11.99
C TYR B 194 -13.54 -2.73 -13.08
N THR B 195 -14.44 -3.64 -12.69
CA THR B 195 -15.25 -4.40 -13.65
C THR B 195 -16.68 -3.85 -13.58
N LEU B 196 -17.33 -3.83 -14.74
CA LEU B 196 -18.75 -3.46 -14.86
C LEU B 196 -19.47 -4.71 -15.41
N THR B 197 -20.34 -5.29 -14.59
CA THR B 197 -20.95 -6.59 -14.85
C THR B 197 -22.43 -6.41 -15.20
N CYS B 198 -22.79 -6.67 -16.46
CA CYS B 198 -24.20 -6.65 -16.87
C CYS B 198 -25.05 -7.60 -16.02
N ILE B 199 -26.15 -7.10 -15.47
CA ILE B 199 -27.00 -7.89 -14.56
C ILE B 199 -27.71 -9.04 -15.30
N LYS B 200 -28.17 -8.74 -16.52
CA LYS B 200 -28.82 -9.72 -17.43
C LYS B 200 -28.06 -11.05 -17.54
N ASN B 201 -26.82 -10.97 -18.04
CA ASN B 201 -26.01 -12.17 -18.33
C ASN B 201 -24.82 -12.44 -17.38
N ASN B 202 -24.64 -11.58 -16.37
CA ASN B 202 -23.53 -11.67 -15.39
C ASN B 202 -22.14 -11.74 -16.03
N GLU B 203 -21.93 -10.99 -17.11
CA GLU B 203 -20.59 -10.85 -17.69
C GLU B 203 -20.11 -9.40 -17.89
N TYR B 204 -18.81 -9.27 -18.12
CA TYR B 204 -18.09 -8.00 -18.00
C TYR B 204 -18.18 -7.13 -19.24
N LEU B 205 -18.36 -5.82 -19.01
CA LEU B 205 -18.25 -4.82 -20.06
C LEU B 205 -16.83 -4.99 -20.62
N THR B 206 -16.73 -5.22 -21.93
CA THR B 206 -15.49 -5.66 -22.56
C THR B 206 -15.22 -4.89 -23.85
N TRP B 207 -14.03 -4.31 -23.94
CA TRP B 207 -13.48 -3.82 -25.19
C TRP B 207 -12.90 -5.04 -25.91
N PHE B 208 -13.46 -5.39 -27.05
CA PHE B 208 -12.91 -6.50 -27.87
C PHE B 208 -11.62 -6.02 -28.54
N SER B 209 -10.54 -6.15 -27.78
CA SER B 209 -9.21 -5.62 -28.10
C SER B 209 -8.60 -6.24 -29.36
N SER B 210 -8.70 -7.56 -29.47
CA SER B 210 -8.31 -8.33 -30.69
C SER B 210 -8.92 -7.78 -31.98
N ILE B 211 -10.24 -7.75 -32.00
CA ILE B 211 -11.07 -7.55 -33.20
C ILE B 211 -11.03 -6.11 -33.74
N GLY B 212 -11.14 -5.12 -32.86
CA GLY B 212 -11.14 -3.71 -33.29
C GLY B 212 -11.40 -2.73 -32.16
N ASN B 213 -12.43 -1.91 -32.34
CA ASN B 213 -12.80 -0.87 -31.38
C ASN B 213 -14.13 -1.11 -30.70
N ASN B 214 -14.72 -2.29 -30.89
CA ASN B 214 -16.05 -2.51 -30.39
C ASN B 214 -16.06 -2.82 -28.88
N VAL B 215 -17.05 -2.27 -28.18
CA VAL B 215 -17.33 -2.64 -26.78
C VAL B 215 -18.63 -3.45 -26.69
N GLY B 216 -18.55 -4.59 -26.02
CA GLY B 216 -19.74 -5.36 -25.68
C GLY B 216 -19.60 -5.93 -24.29
N THR B 217 -20.31 -7.03 -24.01
CA THR B 217 -20.05 -7.88 -22.84
C THR B 217 -19.33 -9.16 -23.30
N TYR B 218 -18.76 -9.89 -22.35
CA TYR B 218 -18.03 -11.14 -22.65
C TYR B 218 -17.81 -11.92 -21.37
N ARG B 219 -17.46 -13.21 -21.52
CA ARG B 219 -17.18 -14.11 -20.39
C ARG B 219 -16.28 -13.50 -19.29
N THR B 220 -16.47 -13.96 -18.04
CA THR B 220 -15.71 -13.46 -16.87
C THR B 220 -14.32 -14.10 -16.75
N GLU B 221 -13.51 -13.96 -17.80
CA GLU B 221 -12.15 -14.49 -17.81
C GLU B 221 -11.15 -13.61 -17.05
N GLY B 222 -11.49 -12.34 -16.84
CA GLY B 222 -10.55 -11.39 -16.25
C GLY B 222 -9.38 -11.04 -17.17
N ASN B 223 -9.68 -10.87 -18.46
CA ASN B 223 -8.67 -10.35 -19.42
C ASN B 223 -8.47 -8.85 -19.20
N ASN B 224 -7.32 -8.35 -19.63
CA ASN B 224 -6.97 -6.95 -19.42
C ASN B 224 -7.97 -5.96 -20.00
N ASP B 225 -8.50 -6.27 -21.17
CA ASP B 225 -9.55 -5.45 -21.79
C ASP B 225 -10.94 -5.50 -21.11
N GLN B 226 -11.06 -6.26 -20.02
CA GLN B 226 -12.29 -6.35 -19.22
C GLN B 226 -12.30 -5.46 -17.94
N TYR B 227 -11.19 -4.76 -17.72
CA TYR B 227 -11.03 -3.85 -16.58
C TYR B 227 -11.01 -2.40 -17.04
N TRP B 228 -11.56 -1.52 -16.21
CA TRP B 228 -11.75 -0.11 -16.55
C TRP B 228 -11.36 0.83 -15.40
N PHE B 229 -10.89 2.02 -15.78
CA PHE B 229 -10.71 3.13 -14.86
C PHE B 229 -11.91 4.05 -14.95
N ILE B 230 -12.45 4.44 -13.80
CA ILE B 230 -13.57 5.36 -13.71
C ILE B 230 -13.09 6.58 -12.94
N ASN B 231 -13.22 7.74 -13.56
CA ASN B 231 -12.81 9.00 -12.96
C ASN B 231 -13.83 10.08 -13.27
N TYR B 232 -13.78 11.17 -12.52
CA TYR B 232 -14.54 12.34 -12.89
C TYR B 232 -13.84 13.05 -14.04
N LEU B 233 -14.60 13.88 -14.74
CA LEU B 233 -14.02 14.78 -15.74
C LEU B 233 -12.96 15.61 -15.04
N ASN B 234 -11.96 16.03 -15.80
CA ASN B 234 -10.77 16.61 -15.22
C ASN B 234 -11.08 17.66 -14.16
N ASN B 235 -12.00 18.55 -14.52
CA ASN B 235 -12.34 19.70 -13.71
C ASN B 235 -13.68 19.64 -12.98
N ASP B 236 -14.48 18.61 -13.27
CA ASP B 236 -15.92 18.61 -13.03
C ASP B 236 -16.41 17.25 -12.51
N ALA B 237 -16.85 17.22 -11.24
CA ALA B 237 -17.31 15.99 -10.58
C ALA B 237 -18.81 15.62 -10.79
N SER B 238 -19.47 16.24 -11.76
CA SER B 238 -20.85 15.90 -12.11
C SER B 238 -20.91 14.85 -13.22
N MET B 239 -19.78 14.60 -13.89
CA MET B 239 -19.69 13.60 -14.96
C MET B 239 -18.41 12.76 -14.86
N TYR B 240 -18.37 11.66 -15.62
CA TYR B 240 -17.33 10.64 -15.53
C TYR B 240 -16.76 10.26 -16.89
N THR B 241 -15.50 9.85 -16.90
CA THR B 241 -14.92 9.13 -18.02
C THR B 241 -14.71 7.68 -17.60
N ILE B 242 -14.73 6.78 -18.60
CA ILE B 242 -14.52 5.34 -18.39
C ILE B 242 -13.50 4.91 -19.42
N SER B 243 -12.28 4.64 -18.96
CA SER B 243 -11.17 4.27 -19.84
C SER B 243 -10.72 2.86 -19.53
N ASN B 244 -10.06 2.23 -20.49
CA ASN B 244 -9.75 0.80 -20.42
C ASN B 244 -8.39 0.50 -19.82
N PHE B 245 -8.36 -0.52 -18.97
CA PHE B 245 -7.14 -1.00 -18.31
C PHE B 245 -6.06 -1.41 -19.33
N SER B 246 -6.47 -2.04 -20.42
CA SER B 246 -5.54 -2.54 -21.45
C SER B 246 -4.83 -1.41 -22.21
N ASN B 247 -5.54 -0.32 -22.45
CA ASN B 247 -4.97 0.88 -23.05
C ASN B 247 -5.64 2.14 -22.46
N GLN B 248 -4.90 2.85 -21.60
CA GLN B 248 -5.37 4.06 -20.91
C GLN B 248 -5.88 5.18 -21.80
N SER B 249 -5.35 5.28 -23.02
CA SER B 249 -5.78 6.26 -24.01
C SER B 249 -7.17 5.95 -24.59
N LYS B 250 -7.66 4.72 -24.39
CA LYS B 250 -8.94 4.26 -24.95
C LYS B 250 -10.13 4.47 -24.01
N PHE B 251 -10.99 5.42 -24.37
CA PHE B 251 -12.11 5.85 -23.56
C PHE B 251 -13.42 5.36 -24.16
N LEU B 252 -14.32 4.89 -23.30
CA LEU B 252 -15.67 4.53 -23.69
C LEU B 252 -16.33 5.71 -24.37
N ASP B 253 -16.93 5.46 -25.54
CA ASP B 253 -17.27 6.50 -26.53
C ASP B 253 -18.49 6.13 -27.41
N VAL B 254 -19.40 7.08 -27.56
CA VAL B 254 -20.55 6.93 -28.44
C VAL B 254 -20.11 7.31 -29.88
N VAL B 255 -20.16 6.34 -30.80
CA VAL B 255 -19.63 6.54 -32.19
C VAL B 255 -20.19 7.81 -32.86
N ASN B 256 -19.27 8.68 -33.29
CA ASN B 256 -19.59 9.93 -34.00
C ASN B 256 -20.60 10.87 -33.30
N SER B 257 -20.74 10.73 -31.98
CA SER B 257 -21.73 11.45 -31.17
C SER B 257 -23.18 11.25 -31.65
N GLY B 258 -23.50 10.05 -32.13
CA GLY B 258 -24.86 9.70 -32.57
C GLY B 258 -25.87 9.79 -31.43
N LEU B 259 -27.00 10.45 -31.66
CA LEU B 259 -27.98 10.74 -30.59
C LEU B 259 -29.11 9.72 -30.45
N ALA B 260 -29.23 8.79 -31.38
CA ALA B 260 -30.41 7.93 -31.44
C ALA B 260 -30.17 6.53 -30.91
N ASP B 261 -31.26 5.86 -30.53
CA ASP B 261 -31.24 4.48 -30.04
C ASP B 261 -30.43 3.57 -30.95
N GLY B 262 -29.62 2.69 -30.35
CA GLY B 262 -28.84 1.69 -31.09
C GLY B 262 -27.47 2.15 -31.58
N THR B 263 -27.21 3.47 -31.57
CA THR B 263 -25.88 3.98 -31.93
C THR B 263 -24.80 3.30 -31.05
N ASN B 264 -23.72 2.87 -31.71
CA ASN B 264 -22.77 1.94 -31.12
C ASN B 264 -21.92 2.58 -30.00
N VAL B 265 -21.67 1.82 -28.94
CA VAL B 265 -20.70 2.23 -27.92
C VAL B 265 -19.38 1.51 -28.19
N GLN B 266 -18.33 2.31 -28.38
CA GLN B 266 -16.99 1.82 -28.66
C GLN B 266 -16.02 2.38 -27.62
N VAL B 267 -14.75 2.07 -27.81
CA VAL B 267 -13.65 2.87 -27.25
C VAL B 267 -13.02 3.71 -28.35
N TRP B 268 -12.51 4.88 -27.96
CA TRP B 268 -11.89 5.80 -28.88
C TRP B 268 -10.76 6.54 -28.15
N ASP B 269 -9.79 7.04 -28.90
CA ASP B 269 -8.68 7.82 -28.35
C ASP B 269 -9.20 9.04 -27.60
N SER B 270 -8.55 9.32 -26.47
CA SER B 270 -8.96 10.40 -25.56
C SER B 270 -9.06 11.73 -26.29
N ASN B 271 -10.17 12.43 -26.09
CA ASN B 271 -10.41 13.71 -26.81
C ASN B 271 -11.11 14.86 -26.07
N GLY B 272 -11.68 14.62 -24.88
CA GLY B 272 -12.41 15.65 -24.15
C GLY B 272 -13.86 15.95 -24.57
N THR B 273 -14.32 15.34 -25.67
CA THR B 273 -15.70 15.51 -26.17
C THR B 273 -16.78 14.90 -25.28
N SER B 274 -18.02 15.36 -25.49
CA SER B 274 -19.21 14.87 -24.79
C SER B 274 -19.54 13.41 -25.08
N ALA B 275 -19.06 12.90 -26.21
CA ALA B 275 -19.21 11.50 -26.58
C ALA B 275 -18.57 10.55 -25.57
N GLN B 276 -17.49 11.02 -24.93
CA GLN B 276 -16.78 10.27 -23.88
C GLN B 276 -17.13 10.66 -22.44
N LYS B 277 -18.16 11.48 -22.25
CA LYS B 277 -18.62 11.91 -20.93
C LYS B 277 -19.87 11.15 -20.56
N TRP B 278 -19.88 10.61 -19.34
CA TRP B 278 -20.95 9.75 -18.88
C TRP B 278 -21.47 10.20 -17.52
N ILE B 279 -22.65 9.72 -17.16
CA ILE B 279 -23.26 10.00 -15.87
C ILE B 279 -23.63 8.66 -15.26
N ILE B 280 -22.89 8.27 -14.24
CA ILE B 280 -23.08 7.01 -13.54
C ILE B 280 -23.96 7.31 -12.34
N THR B 281 -25.07 6.60 -12.22
CA THR B 281 -25.98 6.80 -11.09
C THR B 281 -26.29 5.47 -10.41
N ARG B 282 -26.22 5.49 -9.09
CA ARG B 282 -26.43 4.31 -8.30
C ARG B 282 -27.93 4.01 -8.15
N LEU B 283 -28.26 2.72 -8.22
CA LEU B 283 -29.63 2.21 -8.03
C LEU B 283 -29.65 1.43 -6.73
C1 PGE C . -23.75 24.63 -2.97
O1 PGE C . -22.63 25.32 -3.57
C2 PGE C . -23.26 23.50 -2.06
O2 PGE C . -23.13 24.03 -0.71
C3 PGE C . -24.08 23.52 0.21
C4 PGE C . -23.91 24.42 1.44
O4 PGE C . -19.89 25.21 2.04
C6 PGE C . -20.69 25.04 3.24
C5 PGE C . -22.18 25.24 2.95
O3 PGE C . -22.55 24.27 1.95
#